data_6BVN
#
_entry.id   6BVN
#
loop_
_entity.id
_entity.type
_entity.pdbx_description
1 polymer 'Capsid protein'
2 non-polymer 'Heteroaryldihydropyrimidine tetramethylrodamine'
#
_entity_poly.entity_id   1
_entity_poly.type   'polypeptide(L)'
_entity_poly.pdbx_seq_one_letter_code
;MDIDPYKEFGATVELLSFLPSDFFPSVRDLLDTAAALYRDALESPEHASPHHTALRQAILAWGDLMTLATWVGTNLEDPA
SRDLVVSYVNTNVGLKFRQLLWFHISALTFGRETVLEYLVSFGVWIRTPPAYRPPNAPILSTLPETTVVC
;
_entity_poly.pdbx_strand_id   C,B,A
#
loop_
_chem_comp.id
_chem_comp.type
_chem_comp.name
_chem_comp.formula
E9D non-polymer 'Heteroaryldihydropyrimidine tetramethylrodamine' 'C51 H48 Cl F N8 O7'
#
# COMPACT_ATOMS: atom_id res chain seq x y z
N MET A 1 -17.08 -5.07 -18.18
CA MET A 1 -16.95 -6.47 -18.52
C MET A 1 -15.86 -7.11 -17.67
N ASP A 2 -15.28 -6.31 -16.77
CA ASP A 2 -14.23 -6.83 -15.88
C ASP A 2 -14.91 -7.72 -14.85
N ILE A 3 -15.26 -8.92 -15.28
CA ILE A 3 -15.99 -9.87 -14.46
C ILE A 3 -15.00 -10.64 -13.60
N ASP A 4 -14.74 -10.15 -12.40
CA ASP A 4 -13.93 -10.91 -11.47
C ASP A 4 -14.64 -12.22 -11.15
N PRO A 5 -14.00 -13.36 -11.35
CA PRO A 5 -14.57 -14.64 -10.92
C PRO A 5 -14.51 -14.87 -9.42
N TYR A 6 -14.23 -13.84 -8.63
CA TYR A 6 -14.17 -13.96 -7.19
C TYR A 6 -14.90 -12.84 -6.46
N LYS A 7 -15.30 -11.78 -7.16
CA LYS A 7 -15.95 -10.66 -6.49
C LYS A 7 -17.25 -11.08 -5.83
N GLU A 8 -17.92 -12.09 -6.39
CA GLU A 8 -19.11 -12.63 -5.74
C GLU A 8 -18.77 -13.29 -4.41
N PHE A 9 -17.54 -13.76 -4.25
CA PHE A 9 -17.18 -14.62 -3.12
C PHE A 9 -16.28 -13.92 -2.12
N GLY A 10 -16.37 -12.59 -2.05
CA GLY A 10 -15.58 -11.84 -1.08
C GLY A 10 -14.09 -11.96 -1.28
N ALA A 11 -13.64 -12.10 -2.53
CA ALA A 11 -12.22 -12.18 -2.83
C ALA A 11 -11.98 -11.37 -4.09
N THR A 12 -10.81 -11.58 -4.70
CA THR A 12 -10.46 -10.88 -5.91
C THR A 12 -9.12 -11.40 -6.40
N VAL A 13 -8.83 -11.13 -7.67
CA VAL A 13 -7.64 -11.72 -8.29
C VAL A 13 -6.37 -11.21 -7.65
N GLU A 14 -6.41 -10.03 -7.04
CA GLU A 14 -5.19 -9.49 -6.46
C GLU A 14 -4.73 -10.32 -5.26
N LEU A 15 -5.68 -10.76 -4.43
CA LEU A 15 -5.31 -11.62 -3.30
C LEU A 15 -4.74 -12.94 -3.79
N LEU A 16 -5.45 -13.58 -4.71
CA LEU A 16 -4.95 -14.85 -5.25
C LEU A 16 -3.66 -14.65 -6.02
N SER A 17 -3.43 -13.44 -6.54
CA SER A 17 -2.11 -13.11 -7.05
C SER A 17 -1.14 -12.76 -5.93
N PHE A 18 -1.65 -12.39 -4.77
CA PHE A 18 -0.79 -12.02 -3.65
C PHE A 18 0.02 -13.23 -3.17
N LEU A 19 -0.51 -14.42 -3.31
CA LEU A 19 0.26 -15.60 -2.98
C LEU A 19 1.26 -15.90 -4.09
N PRO A 20 2.29 -16.68 -3.81
CA PRO A 20 3.25 -17.06 -4.85
C PRO A 20 2.60 -18.00 -5.85
N SER A 21 3.12 -17.97 -7.07
CA SER A 21 2.53 -18.79 -8.13
C SER A 21 2.64 -20.28 -7.81
N ASP A 22 3.86 -20.75 -7.55
CA ASP A 22 4.11 -22.17 -7.41
C ASP A 22 3.46 -22.80 -6.18
N PHE A 23 2.88 -22.01 -5.29
CA PHE A 23 2.19 -22.59 -4.14
C PHE A 23 1.04 -23.47 -4.56
N PHE A 24 0.37 -23.14 -5.65
CA PHE A 24 -0.86 -23.83 -5.98
C PHE A 24 -0.57 -25.25 -6.44
N PRO A 25 -1.43 -26.19 -6.11
CA PRO A 25 -1.23 -27.57 -6.56
C PRO A 25 -1.37 -27.69 -8.07
N SER A 26 -1.18 -28.89 -8.60
CA SER A 26 -1.30 -29.06 -10.04
C SER A 26 -2.74 -29.35 -10.43
N VAL A 27 -3.02 -29.18 -11.72
CA VAL A 27 -4.37 -29.38 -12.22
C VAL A 27 -4.80 -30.83 -12.05
N ARG A 28 -4.00 -31.76 -12.59
CA ARG A 28 -4.30 -33.17 -12.46
C ARG A 28 -4.38 -33.58 -10.99
N ASP A 29 -3.45 -33.09 -10.18
CA ASP A 29 -3.42 -33.41 -8.76
C ASP A 29 -4.57 -32.76 -8.00
N LEU A 30 -5.30 -31.84 -8.62
CA LEU A 30 -6.38 -31.15 -7.95
C LEU A 30 -7.76 -31.57 -8.43
N LEU A 31 -7.88 -32.00 -9.68
CA LEU A 31 -9.18 -32.43 -10.18
C LEU A 31 -9.67 -33.65 -9.42
N ASP A 32 -8.78 -34.59 -9.13
CA ASP A 32 -9.16 -35.79 -8.39
C ASP A 32 -9.64 -35.46 -6.98
N THR A 33 -9.21 -34.33 -6.42
CA THR A 33 -9.65 -33.96 -5.08
C THR A 33 -11.16 -33.81 -5.03
N ALA A 34 -11.71 -32.98 -5.93
CA ALA A 34 -13.16 -32.92 -6.05
C ALA A 34 -13.72 -34.19 -6.65
N ALA A 35 -12.99 -34.80 -7.58
CA ALA A 35 -13.45 -36.05 -8.19
C ALA A 35 -13.51 -37.17 -7.18
N ALA A 36 -12.68 -37.12 -6.14
CA ALA A 36 -12.72 -38.13 -5.09
C ALA A 36 -13.56 -37.72 -3.90
N LEU A 37 -13.64 -36.43 -3.62
CA LEU A 37 -14.39 -35.93 -2.47
C LEU A 37 -15.79 -35.47 -2.85
N TYR A 38 -15.94 -34.87 -4.03
CA TYR A 38 -17.18 -34.19 -4.39
C TYR A 38 -17.78 -34.73 -5.69
N ARG A 39 -17.35 -35.92 -6.13
CA ARG A 39 -17.91 -36.48 -7.34
C ARG A 39 -19.40 -36.74 -7.21
N ASP A 40 -19.89 -36.98 -6.00
CA ASP A 40 -21.31 -37.22 -5.82
C ASP A 40 -22.08 -35.91 -5.70
N ALA A 41 -21.52 -34.93 -5.00
CA ALA A 41 -22.25 -33.68 -4.80
C ALA A 41 -22.31 -32.88 -6.10
N LEU A 42 -21.23 -32.87 -6.87
CA LEU A 42 -21.21 -32.10 -8.11
C LEU A 42 -22.20 -32.68 -9.11
N GLU A 43 -22.09 -33.98 -9.38
CA GLU A 43 -22.95 -34.62 -10.37
C GLU A 43 -24.41 -34.72 -9.93
N SER A 44 -24.73 -34.31 -8.70
CA SER A 44 -26.11 -34.29 -8.28
C SER A 44 -26.91 -33.30 -9.11
N PRO A 45 -28.17 -33.58 -9.38
CA PRO A 45 -29.03 -32.65 -10.11
C PRO A 45 -29.59 -31.51 -9.27
N GLU A 46 -29.03 -31.24 -8.10
CA GLU A 46 -29.47 -30.13 -7.27
C GLU A 46 -28.25 -29.56 -6.56
N HIS A 47 -27.93 -28.30 -6.83
CA HIS A 47 -26.75 -27.69 -6.24
C HIS A 47 -26.93 -27.55 -4.74
N ALA A 48 -25.80 -27.56 -4.02
CA ALA A 48 -25.81 -27.40 -2.58
C ALA A 48 -25.29 -26.03 -2.14
N SER A 49 -24.61 -25.30 -3.01
CA SER A 49 -24.06 -24.01 -2.65
C SER A 49 -23.48 -23.38 -3.91
N PRO A 50 -23.30 -22.06 -3.91
CA PRO A 50 -22.77 -21.38 -5.09
C PRO A 50 -21.38 -21.83 -5.46
N HIS A 51 -20.60 -22.36 -4.52
CA HIS A 51 -19.32 -22.96 -4.89
C HIS A 51 -19.53 -24.18 -5.77
N HIS A 52 -20.57 -24.96 -5.50
CA HIS A 52 -20.89 -26.08 -6.38
C HIS A 52 -21.20 -25.58 -7.78
N THR A 53 -22.08 -24.58 -7.89
CA THR A 53 -22.42 -24.06 -9.20
C THR A 53 -21.23 -23.44 -9.90
N ALA A 54 -20.30 -22.87 -9.13
CA ALA A 54 -19.13 -22.28 -9.74
C ALA A 54 -18.12 -23.34 -10.11
N LEU A 55 -17.80 -24.23 -9.17
CA LEU A 55 -16.84 -25.29 -9.46
C LEU A 55 -17.37 -26.22 -10.53
N ARG A 56 -18.68 -26.39 -10.62
CA ARG A 56 -19.26 -27.23 -11.65
C ARG A 56 -19.01 -26.69 -13.04
N GLN A 57 -18.75 -25.39 -13.16
CA GLN A 57 -18.43 -24.79 -14.45
C GLN A 57 -16.95 -24.86 -14.77
N ALA A 58 -16.09 -24.73 -13.78
CA ALA A 58 -14.66 -24.77 -14.03
C ALA A 58 -14.24 -26.13 -14.56
N ILE A 59 -14.88 -27.20 -14.08
CA ILE A 59 -14.53 -28.53 -14.55
C ILE A 59 -14.86 -28.68 -16.02
N LEU A 60 -16.01 -28.18 -16.45
CA LEU A 60 -16.35 -28.26 -17.86
C LEU A 60 -15.49 -27.32 -18.70
N ALA A 61 -15.15 -26.15 -18.16
CA ALA A 61 -14.27 -25.24 -18.89
C ALA A 61 -12.92 -25.88 -19.14
N TRP A 62 -12.39 -26.61 -18.16
CA TRP A 62 -11.17 -27.34 -18.40
C TRP A 62 -11.37 -28.50 -19.37
N GLY A 63 -12.61 -28.93 -19.56
CA GLY A 63 -12.86 -30.04 -20.46
C GLY A 63 -12.42 -29.75 -21.88
N ASP A 64 -12.86 -28.61 -22.43
CA ASP A 64 -12.55 -28.31 -23.82
C ASP A 64 -11.07 -27.97 -23.99
N LEU A 65 -10.49 -27.27 -23.02
CA LEU A 65 -9.08 -26.93 -23.12
C LEU A 65 -8.21 -28.17 -23.13
N MET A 66 -8.67 -29.26 -22.51
CA MET A 66 -8.02 -30.55 -22.73
C MET A 66 -8.42 -31.14 -24.07
N THR A 67 -9.69 -31.05 -24.43
CA THR A 67 -10.13 -31.51 -25.74
C THR A 67 -9.44 -30.71 -26.84
N LEU A 68 -9.41 -29.38 -26.71
CA LEU A 68 -8.65 -28.58 -27.66
C LEU A 68 -7.18 -28.93 -27.63
N ALA A 69 -6.66 -29.27 -26.46
CA ALA A 69 -5.31 -29.83 -26.37
C ALA A 69 -5.26 -31.28 -26.81
N THR A 70 -6.40 -31.88 -27.13
CA THR A 70 -6.46 -33.22 -27.69
C THR A 70 -6.81 -33.23 -29.16
N TRP A 71 -7.85 -32.48 -29.55
CA TRP A 71 -8.15 -32.30 -30.97
C TRP A 71 -6.95 -31.69 -31.70
N VAL A 72 -6.56 -30.48 -31.29
CA VAL A 72 -5.30 -29.92 -31.77
C VAL A 72 -4.13 -30.75 -31.26
N GLY A 73 -4.30 -31.41 -30.11
CA GLY A 73 -3.22 -32.22 -29.57
C GLY A 73 -2.82 -33.38 -30.45
N THR A 74 -3.69 -33.81 -31.37
CA THR A 74 -3.36 -34.92 -32.25
C THR A 74 -3.84 -34.75 -33.68
N ASN A 75 -4.46 -33.62 -34.03
CA ASN A 75 -5.02 -33.49 -35.37
C ASN A 75 -4.41 -32.32 -36.13
N LEU A 76 -3.09 -32.18 -36.07
CA LEU A 76 -2.36 -31.18 -36.83
C LEU A 76 -1.31 -31.87 -37.71
N GLU A 77 -0.74 -31.08 -38.63
CA GLU A 77 0.30 -31.58 -39.49
C GLU A 77 1.70 -31.18 -39.06
N ASP A 78 1.84 -30.08 -38.31
CA ASP A 78 3.15 -29.60 -37.88
C ASP A 78 3.34 -29.87 -36.40
N PRO A 79 4.12 -30.88 -36.02
CA PRO A 79 4.47 -31.03 -34.59
C PRO A 79 5.36 -29.91 -34.09
N ALA A 80 6.05 -29.22 -34.98
CA ALA A 80 6.84 -28.06 -34.57
C ALA A 80 5.98 -26.94 -34.03
N SER A 81 4.70 -26.90 -34.41
CA SER A 81 3.76 -25.89 -33.93
C SER A 81 2.75 -26.44 -32.93
N ARG A 82 2.67 -27.77 -32.79
CA ARG A 82 1.70 -28.35 -31.86
C ARG A 82 2.02 -27.95 -30.42
N ASP A 83 3.25 -28.24 -29.98
CA ASP A 83 3.66 -27.88 -28.63
C ASP A 83 3.88 -26.38 -28.46
N LEU A 84 3.94 -25.62 -29.56
CA LEU A 84 4.00 -24.18 -29.45
C LEU A 84 2.73 -23.65 -28.78
N VAL A 85 1.60 -24.28 -29.04
CA VAL A 85 0.31 -23.86 -28.51
C VAL A 85 -0.15 -24.76 -27.37
N VAL A 86 -0.02 -26.08 -27.55
CA VAL A 86 -0.49 -27.02 -26.54
C VAL A 86 0.23 -26.81 -25.23
N SER A 87 1.49 -26.40 -25.28
CA SER A 87 2.20 -26.04 -24.07
C SER A 87 1.58 -24.81 -23.40
N TYR A 88 1.01 -23.91 -24.20
CA TYR A 88 0.46 -22.69 -23.62
C TYR A 88 -0.71 -22.97 -22.69
N VAL A 89 -1.47 -24.02 -22.97
CA VAL A 89 -2.60 -24.37 -22.09
C VAL A 89 -2.11 -24.64 -20.68
N ASN A 90 -1.14 -25.54 -20.55
CA ASN A 90 -0.52 -25.77 -19.25
C ASN A 90 0.44 -24.65 -18.86
N THR A 91 0.76 -23.76 -19.78
CA THR A 91 1.73 -22.70 -19.48
C THR A 91 1.07 -21.55 -18.72
N ASN A 92 0.12 -20.88 -19.35
CA ASN A 92 -0.38 -19.62 -18.83
C ASN A 92 -1.89 -19.60 -18.66
N VAL A 93 -2.58 -20.68 -18.98
CA VAL A 93 -4.00 -20.80 -18.68
C VAL A 93 -4.22 -21.55 -17.38
N GLY A 94 -3.46 -22.62 -17.16
CA GLY A 94 -3.56 -23.33 -15.89
C GLY A 94 -3.23 -22.44 -14.72
N LEU A 95 -2.22 -21.58 -14.88
CA LEU A 95 -1.85 -20.64 -13.83
C LEU A 95 -3.03 -19.76 -13.43
N LYS A 96 -3.80 -19.33 -14.42
CA LYS A 96 -5.05 -18.63 -14.15
C LYS A 96 -6.18 -19.60 -13.84
N PHE A 97 -5.93 -20.89 -13.93
CA PHE A 97 -6.97 -21.89 -13.76
C PHE A 97 -6.76 -22.76 -12.54
N ARG A 98 -5.52 -23.18 -12.29
CA ARG A 98 -5.21 -23.92 -11.07
C ARG A 98 -5.54 -23.11 -9.84
N GLN A 99 -5.46 -21.78 -9.93
CA GLN A 99 -5.90 -20.94 -8.83
C GLN A 99 -7.41 -21.05 -8.65
N LEU A 100 -8.14 -21.16 -9.75
CA LEU A 100 -9.60 -21.14 -9.65
C LEU A 100 -10.12 -22.40 -9.00
N LEU A 101 -9.62 -23.56 -9.42
CA LEU A 101 -10.04 -24.81 -8.79
C LEU A 101 -9.64 -24.84 -7.33
N TRP A 102 -8.44 -24.39 -7.01
CA TRP A 102 -7.96 -24.46 -5.64
C TRP A 102 -8.85 -23.67 -4.70
N PHE A 103 -9.38 -22.54 -5.17
CA PHE A 103 -10.18 -21.71 -4.29
C PHE A 103 -11.47 -22.41 -3.90
N HIS A 104 -12.22 -22.90 -4.88
CA HIS A 104 -13.53 -23.47 -4.59
C HIS A 104 -13.40 -24.79 -3.86
N ILE A 105 -12.53 -25.68 -4.35
CA ILE A 105 -12.36 -26.97 -3.71
C ILE A 105 -11.88 -26.80 -2.28
N SER A 106 -11.09 -25.76 -2.02
CA SER A 106 -10.75 -25.43 -0.65
C SER A 106 -11.88 -24.69 0.04
N ALA A 107 -12.67 -23.92 -0.71
CA ALA A 107 -13.77 -23.20 -0.12
C ALA A 107 -14.85 -24.15 0.40
N LEU A 108 -15.08 -25.24 -0.32
CA LEU A 108 -16.08 -26.20 0.12
C LEU A 108 -15.63 -26.93 1.36
N THR A 109 -14.39 -27.42 1.36
CA THR A 109 -13.92 -28.24 2.47
C THR A 109 -13.78 -27.44 3.75
N PHE A 110 -13.55 -26.14 3.65
CA PHE A 110 -13.21 -25.33 4.82
C PHE A 110 -14.04 -24.06 4.94
N GLY A 111 -15.04 -23.87 4.10
CA GLY A 111 -15.85 -22.67 4.17
C GLY A 111 -15.15 -21.47 3.58
N ARG A 112 -15.92 -20.49 3.11
CA ARG A 112 -15.32 -19.30 2.52
C ARG A 112 -14.60 -18.45 3.55
N GLU A 113 -14.92 -18.62 4.82
CA GLU A 113 -14.26 -17.84 5.85
C GLU A 113 -12.79 -18.21 5.98
N THR A 114 -12.52 -19.49 6.23
CA THR A 114 -11.15 -19.92 6.50
C THR A 114 -10.26 -19.72 5.29
N VAL A 115 -10.78 -19.88 4.08
CA VAL A 115 -9.94 -19.69 2.90
C VAL A 115 -9.53 -18.24 2.77
N LEU A 116 -10.48 -17.32 2.93
CA LEU A 116 -10.16 -15.91 2.80
C LEU A 116 -9.19 -15.45 3.88
N GLU A 117 -9.28 -16.02 5.08
CA GLU A 117 -8.30 -15.71 6.11
C GLU A 117 -6.97 -16.37 5.80
N TYR A 118 -6.98 -17.57 5.22
CA TYR A 118 -5.74 -18.24 4.92
C TYR A 118 -4.94 -17.48 3.86
N LEU A 119 -5.64 -16.89 2.89
CA LEU A 119 -4.93 -16.11 1.88
C LEU A 119 -4.20 -14.94 2.50
N VAL A 120 -4.81 -14.28 3.48
CA VAL A 120 -4.12 -13.22 4.19
C VAL A 120 -2.98 -13.79 5.01
N SER A 121 -3.23 -14.92 5.68
CA SER A 121 -2.24 -15.48 6.58
C SER A 121 -0.99 -15.93 5.84
N PHE A 122 -1.15 -16.88 4.91
CA PHE A 122 0.00 -17.42 4.21
C PHE A 122 0.71 -16.35 3.41
N GLY A 123 -0.05 -15.46 2.78
CA GLY A 123 0.56 -14.43 1.98
C GLY A 123 1.45 -13.52 2.80
N VAL A 124 1.15 -13.37 4.09
CA VAL A 124 2.01 -12.60 4.97
C VAL A 124 3.21 -13.42 5.40
N TRP A 125 2.98 -14.68 5.76
CA TRP A 125 4.04 -15.52 6.31
C TRP A 125 5.20 -15.65 5.34
N ILE A 126 4.94 -15.60 4.03
CA ILE A 126 6.03 -15.64 3.06
C ILE A 126 6.70 -14.28 2.92
N ARG A 127 6.10 -13.22 3.44
CA ARG A 127 6.70 -11.89 3.31
C ARG A 127 7.55 -11.52 4.50
N THR A 128 7.22 -12.02 5.68
CA THR A 128 7.97 -11.70 6.89
C THR A 128 9.42 -12.15 6.73
N PRO A 129 10.38 -11.42 7.30
CA PRO A 129 11.78 -11.83 7.21
C PRO A 129 11.98 -13.19 7.84
N PRO A 130 12.82 -14.04 7.25
CA PRO A 130 12.96 -15.40 7.77
C PRO A 130 13.56 -15.44 9.16
N ALA A 131 14.34 -14.42 9.52
CA ALA A 131 14.96 -14.43 10.85
C ALA A 131 13.92 -14.33 11.95
N TYR A 132 12.75 -13.76 11.66
CA TYR A 132 11.73 -13.49 12.66
C TYR A 132 10.41 -14.05 12.15
N ARG A 133 10.20 -15.34 12.32
CA ARG A 133 8.90 -15.92 12.00
C ARG A 133 8.86 -17.38 12.38
N PRO A 134 7.70 -17.92 12.70
CA PRO A 134 7.59 -19.34 12.96
C PRO A 134 7.87 -20.12 11.70
N PRO A 135 8.95 -20.91 11.68
CA PRO A 135 9.30 -21.64 10.45
C PRO A 135 8.25 -22.65 10.03
N ASN A 136 7.42 -23.11 10.97
CA ASN A 136 6.32 -24.00 10.64
C ASN A 136 5.28 -23.22 9.85
N ALA A 137 5.20 -23.48 8.55
CA ALA A 137 4.34 -22.71 7.68
C ALA A 137 2.87 -22.87 8.09
N PRO A 138 2.03 -21.90 7.76
CA PRO A 138 0.61 -22.01 8.09
C PRO A 138 -0.12 -22.79 7.00
N ILE A 139 -1.08 -23.60 7.42
CA ILE A 139 -1.76 -24.50 6.50
C ILE A 139 -3.18 -24.71 6.97
N LEU A 140 -4.07 -24.98 6.02
CA LEU A 140 -5.42 -25.38 6.34
C LEU A 140 -5.40 -26.75 7.00
N SER A 141 -6.46 -27.05 7.75
CA SER A 141 -6.59 -28.37 8.34
C SER A 141 -7.98 -28.50 8.94
N THR A 142 -8.59 -29.66 8.71
CA THR A 142 -9.92 -29.90 9.25
C THR A 142 -9.89 -30.01 10.77
N LEU A 143 -8.80 -30.49 11.34
CA LEU A 143 -8.65 -30.51 12.77
C LEU A 143 -8.26 -29.12 13.28
N PRO A 144 -8.76 -28.72 14.46
CA PRO A 144 -8.56 -27.37 15.01
C PRO A 144 -7.10 -26.97 15.13
N MET B 1 7.93 22.05 16.53
CA MET B 1 7.36 21.27 15.44
C MET B 1 8.21 20.04 15.16
N ASP B 2 9.43 20.03 15.68
CA ASP B 2 10.33 18.89 15.48
C ASP B 2 9.86 17.71 16.33
N ILE B 3 9.02 16.85 15.75
CA ILE B 3 8.39 15.77 16.49
C ILE B 3 8.09 14.62 15.55
N ASP B 4 8.24 13.40 16.08
CA ASP B 4 7.92 12.21 15.33
C ASP B 4 6.42 11.99 15.26
N PRO B 5 5.95 11.17 14.33
CA PRO B 5 4.51 10.94 14.19
C PRO B 5 3.96 10.02 15.26
N TYR B 6 4.82 9.35 16.01
CA TYR B 6 4.39 8.26 16.88
C TYR B 6 4.04 8.75 18.27
N LYS B 7 3.30 9.84 18.36
CA LYS B 7 3.00 10.44 19.65
C LYS B 7 1.57 10.16 20.09
N GLU B 8 0.57 10.51 19.28
CA GLU B 8 -0.79 10.14 19.62
C GLU B 8 -1.03 8.64 19.53
N PHE B 9 -0.11 7.90 18.93
CA PHE B 9 -0.19 6.46 18.80
C PHE B 9 0.49 5.74 19.96
N GLY B 10 1.00 6.47 20.94
CA GLY B 10 1.68 5.84 22.05
C GLY B 10 2.95 5.14 21.61
N ALA B 11 3.94 5.92 21.21
CA ALA B 11 5.23 5.34 20.81
C ALA B 11 6.26 6.47 20.82
N THR B 12 7.44 6.18 20.27
CA THR B 12 8.45 7.19 20.03
C THR B 12 9.20 6.79 18.76
N VAL B 13 10.29 7.51 18.49
CA VAL B 13 11.24 7.01 17.52
C VAL B 13 12.34 6.21 18.20
N GLU B 14 12.60 6.46 19.48
CA GLU B 14 13.55 5.63 20.20
C GLU B 14 13.00 4.23 20.41
N LEU B 15 11.69 4.12 20.64
CA LEU B 15 11.07 2.81 20.86
C LEU B 15 11.24 1.91 19.65
N LEU B 16 11.02 2.46 18.46
CA LEU B 16 11.24 1.72 17.23
C LEU B 16 12.68 1.82 16.75
N SER B 17 13.59 2.29 17.60
CA SER B 17 15.01 2.26 17.26
C SER B 17 15.69 0.97 17.70
N PHE B 18 15.07 0.21 18.60
CA PHE B 18 15.62 -1.08 18.98
C PHE B 18 15.64 -2.04 17.80
N LEU B 19 14.62 -1.97 16.96
CA LEU B 19 14.45 -2.93 15.88
C LEU B 19 15.60 -2.84 14.89
N PRO B 20 16.32 -3.93 14.63
CA PRO B 20 17.43 -3.87 13.68
C PRO B 20 16.94 -3.51 12.28
N SER B 21 17.88 -3.10 11.44
CA SER B 21 17.52 -2.69 10.10
C SER B 21 16.91 -3.83 9.29
N ASP B 22 17.33 -5.05 9.55
CA ASP B 22 16.77 -6.21 8.87
C ASP B 22 15.44 -6.66 9.47
N PHE B 23 14.96 -5.97 10.49
CA PHE B 23 13.70 -6.36 11.12
C PHE B 23 12.55 -6.23 10.13
N PHE B 24 12.45 -5.11 9.45
CA PHE B 24 11.25 -4.76 8.72
C PHE B 24 11.23 -5.42 7.34
N PRO B 25 10.06 -5.86 6.88
CA PRO B 25 9.96 -6.42 5.54
C PRO B 25 10.23 -5.37 4.48
N SER B 26 10.32 -5.83 3.24
CA SER B 26 10.65 -4.93 2.14
C SER B 26 9.54 -3.91 1.93
N VAL B 27 9.86 -2.87 1.15
CA VAL B 27 8.86 -1.83 0.88
C VAL B 27 7.79 -2.37 -0.05
N ARG B 28 8.20 -3.19 -1.03
CA ARG B 28 7.24 -3.77 -1.95
C ARG B 28 6.24 -4.65 -1.21
N ASP B 29 6.71 -5.45 -0.27
CA ASP B 29 5.82 -6.34 0.46
C ASP B 29 4.86 -5.54 1.33
N LEU B 30 5.34 -4.45 1.93
CA LEU B 30 4.45 -3.62 2.74
C LEU B 30 3.38 -2.96 1.88
N LEU B 31 3.77 -2.41 0.73
CA LEU B 31 2.78 -1.80 -0.15
C LEU B 31 1.79 -2.83 -0.65
N ASP B 32 2.28 -4.02 -1.02
CA ASP B 32 1.38 -5.08 -1.45
C ASP B 32 0.47 -5.51 -0.31
N THR B 33 1.06 -5.76 0.85
CA THR B 33 0.26 -6.18 2.01
C THR B 33 -0.75 -5.13 2.40
N ALA B 34 -0.43 -3.86 2.17
CA ALA B 34 -1.43 -2.81 2.40
C ALA B 34 -2.61 -3.00 1.47
N ALA B 35 -2.35 -3.08 0.18
CA ALA B 35 -3.42 -3.30 -0.79
C ALA B 35 -3.86 -4.75 -0.85
N ALA B 36 -3.08 -5.68 -0.31
CA ALA B 36 -3.51 -7.07 -0.31
C ALA B 36 -4.72 -7.28 0.58
N LEU B 37 -4.77 -6.57 1.70
CA LEU B 37 -5.84 -6.80 2.65
C LEU B 37 -6.48 -5.54 3.20
N TYR B 38 -5.95 -4.36 2.91
CA TYR B 38 -6.56 -3.11 3.35
C TYR B 38 -7.09 -2.28 2.21
N ARG B 39 -6.99 -2.76 0.98
CA ARG B 39 -7.42 -2.03 -0.20
C ARG B 39 -8.93 -1.78 -0.20
N ASP B 40 -9.64 -2.35 0.77
CA ASP B 40 -11.09 -2.23 0.82
C ASP B 40 -11.47 -0.81 1.22
N ALA B 41 -11.05 -0.38 2.40
CA ALA B 41 -11.32 0.97 2.86
C ALA B 41 -10.12 1.89 2.73
N LEU B 42 -9.05 1.43 2.10
CA LEU B 42 -7.86 2.27 1.98
C LEU B 42 -8.01 3.28 0.86
N GLU B 43 -8.59 2.87 -0.27
CA GLU B 43 -8.81 3.75 -1.41
C GLU B 43 -10.27 4.16 -1.53
N SER B 44 -10.92 4.37 -0.40
CA SER B 44 -12.33 4.73 -0.44
C SER B 44 -12.50 6.17 0.05
N PRO B 45 -13.68 6.75 -0.10
CA PRO B 45 -13.93 8.07 0.50
C PRO B 45 -14.13 8.00 1.99
N GLU B 46 -14.25 6.81 2.55
CA GLU B 46 -14.52 6.68 3.97
C GLU B 46 -13.29 7.14 4.76
N HIS B 47 -13.52 7.43 6.04
CA HIS B 47 -12.55 8.07 6.94
C HIS B 47 -12.00 7.15 8.04
N ALA B 48 -12.47 5.89 8.11
CA ALA B 48 -12.74 5.12 9.35
C ALA B 48 -11.71 5.37 10.44
N SER B 49 -10.46 4.97 10.28
CA SER B 49 -9.64 5.04 11.49
C SER B 49 -8.77 6.31 11.48
N PRO B 50 -8.09 6.61 12.59
CA PRO B 50 -7.00 7.57 12.51
C PRO B 50 -5.75 6.95 11.92
N HIS B 51 -5.62 5.63 12.00
CA HIS B 51 -4.51 4.98 11.32
C HIS B 51 -4.63 5.06 9.81
N HIS B 52 -5.85 4.93 9.25
CA HIS B 52 -5.98 5.00 7.80
C HIS B 52 -5.56 6.35 7.27
N THR B 53 -5.95 7.42 7.96
CA THR B 53 -5.61 8.75 7.51
C THR B 53 -4.10 8.96 7.52
N ALA B 54 -3.43 8.46 8.56
CA ALA B 54 -1.98 8.54 8.59
C ALA B 54 -1.35 7.62 7.56
N LEU B 55 -1.97 6.47 7.31
CA LEU B 55 -1.45 5.50 6.37
C LEU B 55 -1.40 6.09 4.97
N ARG B 56 -2.55 6.50 4.45
CA ARG B 56 -2.71 7.06 3.11
C ARG B 56 -1.69 8.13 2.77
N GLN B 57 -1.27 8.88 3.77
CA GLN B 57 -0.23 9.88 3.57
C GLN B 57 1.14 9.25 3.46
N ALA B 58 1.30 8.03 3.98
CA ALA B 58 2.58 7.35 3.84
C ALA B 58 2.72 6.71 2.47
N ILE B 59 1.66 6.05 1.98
CA ILE B 59 1.74 5.38 0.70
C ILE B 59 1.95 6.38 -0.43
N LEU B 60 1.36 7.56 -0.30
CA LEU B 60 1.55 8.58 -1.32
C LEU B 60 2.98 9.10 -1.31
N ALA B 61 3.60 9.18 -0.13
CA ALA B 61 4.96 9.68 -0.05
C ALA B 61 5.93 8.76 -0.78
N TRP B 62 5.78 7.44 -0.57
CA TRP B 62 6.68 6.52 -1.26
C TRP B 62 6.46 6.57 -2.76
N GLY B 63 5.21 6.66 -3.20
CA GLY B 63 4.94 6.90 -4.60
C GLY B 63 5.58 8.18 -5.09
N ASP B 64 5.70 9.17 -4.22
CA ASP B 64 6.45 10.37 -4.56
C ASP B 64 7.93 10.05 -4.73
N LEU B 65 8.53 9.40 -3.74
CA LEU B 65 9.96 9.15 -3.78
C LEU B 65 10.32 8.26 -4.95
N MET B 66 9.50 7.25 -5.23
CA MET B 66 9.76 6.40 -6.39
C MET B 66 9.71 7.20 -7.68
N THR B 67 8.87 8.23 -7.72
CA THR B 67 8.92 9.15 -8.85
C THR B 67 10.24 9.88 -8.90
N LEU B 68 10.86 10.11 -7.74
CA LEU B 68 12.18 10.71 -7.73
C LEU B 68 13.24 9.76 -8.26
N ALA B 69 13.20 8.50 -7.82
CA ALA B 69 14.18 7.54 -8.28
C ALA B 69 14.09 7.33 -9.79
N THR B 70 12.88 7.20 -10.31
CA THR B 70 12.70 7.07 -11.74
C THR B 70 13.23 8.28 -12.49
N TRP B 71 12.99 9.47 -11.93
CA TRP B 71 13.45 10.69 -12.57
C TRP B 71 14.98 10.73 -12.63
N VAL B 72 15.63 10.56 -11.48
CA VAL B 72 17.07 10.69 -11.42
C VAL B 72 17.74 9.62 -12.27
N GLY B 73 17.25 8.38 -12.19
CA GLY B 73 17.86 7.30 -12.93
C GLY B 73 17.77 7.45 -14.43
N THR B 74 16.85 8.28 -14.92
CA THR B 74 16.66 8.44 -16.35
C THR B 74 17.20 9.75 -16.91
N ASN B 75 17.34 10.79 -16.09
CA ASN B 75 17.76 12.09 -16.57
C ASN B 75 19.13 12.52 -16.07
N LEU B 76 19.47 12.20 -14.82
CA LEU B 76 20.80 12.55 -14.33
C LEU B 76 21.85 11.74 -15.06
N GLU B 77 23.01 12.34 -15.26
CA GLU B 77 23.96 11.83 -16.25
C GLU B 77 24.79 10.67 -15.71
N ASP B 78 25.59 10.91 -14.69
CA ASP B 78 26.59 9.90 -14.30
C ASP B 78 25.99 8.91 -13.31
N PRO B 79 26.13 7.61 -13.55
CA PRO B 79 25.73 6.64 -12.52
C PRO B 79 26.47 6.84 -11.22
N ALA B 80 27.74 7.23 -11.28
CA ALA B 80 28.47 7.64 -10.09
C ALA B 80 27.92 8.92 -9.48
N SER B 81 27.09 9.65 -10.22
CA SER B 81 26.40 10.82 -9.70
C SER B 81 24.95 10.52 -9.33
N ARG B 82 24.38 9.42 -9.81
CA ARG B 82 22.97 9.14 -9.59
C ARG B 82 22.71 7.84 -8.85
N ASP B 83 23.50 6.79 -9.11
CA ASP B 83 23.27 5.53 -8.41
C ASP B 83 23.48 5.69 -6.91
N LEU B 84 24.31 6.64 -6.50
CA LEU B 84 24.33 7.03 -5.10
C LEU B 84 22.95 7.48 -4.65
N VAL B 85 22.31 8.33 -5.45
CA VAL B 85 20.99 8.85 -5.08
C VAL B 85 19.95 7.75 -5.14
N VAL B 86 19.98 6.93 -6.19
CA VAL B 86 18.97 5.89 -6.35
C VAL B 86 19.08 4.88 -5.22
N SER B 87 20.28 4.38 -4.98
CA SER B 87 20.49 3.46 -3.87
C SER B 87 20.24 4.14 -2.54
N TYR B 88 20.46 5.45 -2.46
CA TYR B 88 20.20 6.16 -1.21
C TYR B 88 18.72 6.15 -0.87
N VAL B 89 17.87 6.29 -1.88
CA VAL B 89 16.43 6.29 -1.63
C VAL B 89 15.99 4.93 -1.12
N ASN B 90 16.35 3.86 -1.84
CA ASN B 90 15.94 2.52 -1.46
C ASN B 90 16.57 2.06 -0.16
N THR B 91 17.70 2.65 0.22
CA THR B 91 18.43 2.21 1.40
C THR B 91 18.05 3.00 2.65
N ASN B 92 18.28 4.31 2.63
CA ASN B 92 18.16 5.12 3.84
C ASN B 92 16.79 5.79 3.94
N VAL B 93 16.43 6.60 2.95
CA VAL B 93 15.14 7.26 2.98
C VAL B 93 14.01 6.24 2.92
N GLY B 94 14.24 5.12 2.23
CA GLY B 94 13.26 4.05 2.26
C GLY B 94 13.03 3.52 3.65
N LEU B 95 14.12 3.23 4.37
CA LEU B 95 14.01 2.72 5.72
C LEU B 95 13.42 3.75 6.68
N LYS B 96 13.39 5.02 6.28
CA LYS B 96 12.75 6.05 7.08
C LYS B 96 11.30 5.67 7.39
N PHE B 97 10.49 5.48 6.35
CA PHE B 97 9.15 4.94 6.51
C PHE B 97 9.00 3.56 5.90
N ARG B 98 10.11 2.84 5.74
CA ARG B 98 10.01 1.39 5.60
C ARG B 98 9.41 0.79 6.86
N GLN B 99 9.62 1.43 8.01
CA GLN B 99 9.02 1.05 9.26
C GLN B 99 7.69 1.73 9.51
N LEU B 100 7.51 2.93 8.95
CA LEU B 100 6.26 3.64 9.14
C LEU B 100 5.09 2.87 8.56
N LEU B 101 5.26 2.31 7.36
CA LEU B 101 4.25 1.43 6.82
C LEU B 101 4.03 0.23 7.73
N TRP B 102 5.10 -0.27 8.35
CA TRP B 102 4.97 -1.46 9.17
C TRP B 102 4.15 -1.19 10.42
N PHE B 103 4.31 -0.02 11.00
CA PHE B 103 3.64 0.24 12.27
C PHE B 103 2.13 0.31 12.09
N HIS B 104 1.67 1.07 11.09
CA HIS B 104 0.24 1.27 10.93
C HIS B 104 -0.45 -0.01 10.48
N ILE B 105 0.16 -0.72 9.53
CA ILE B 105 -0.43 -1.98 9.08
C ILE B 105 -0.54 -2.96 10.23
N SER B 106 0.57 -3.13 10.96
CA SER B 106 0.55 -4.03 12.10
C SER B 106 -0.42 -3.55 13.17
N ALA B 107 -0.56 -2.24 13.33
CA ALA B 107 -1.50 -1.71 14.31
C ALA B 107 -2.95 -2.01 13.92
N LEU B 108 -3.26 -1.92 12.63
CA LEU B 108 -4.63 -2.07 12.18
C LEU B 108 -5.12 -3.50 12.40
N THR B 109 -4.36 -4.49 11.94
CA THR B 109 -4.79 -5.87 12.15
C THR B 109 -4.80 -6.28 13.61
N PHE B 110 -4.11 -5.58 14.47
CA PHE B 110 -3.89 -6.07 15.82
C PHE B 110 -4.33 -5.08 16.89
N GLY B 111 -4.14 -3.78 16.66
CA GLY B 111 -4.52 -2.78 17.63
C GLY B 111 -3.34 -2.04 18.20
N ARG B 112 -3.55 -0.79 18.61
CA ARG B 112 -2.46 -0.01 19.19
C ARG B 112 -1.93 -0.63 20.46
N GLU B 113 -2.76 -1.40 21.17
CA GLU B 113 -2.29 -2.07 22.38
C GLU B 113 -1.35 -3.21 22.04
N THR B 114 -1.80 -4.13 21.18
CA THR B 114 -1.04 -5.34 20.94
C THR B 114 0.28 -5.06 20.23
N VAL B 115 0.33 -4.01 19.41
CA VAL B 115 1.58 -3.70 18.74
C VAL B 115 2.60 -3.18 19.73
N LEU B 116 2.15 -2.40 20.71
CA LEU B 116 3.09 -1.82 21.66
C LEU B 116 3.73 -2.88 22.54
N GLU B 117 2.93 -3.81 23.05
CA GLU B 117 3.49 -4.89 23.85
C GLU B 117 4.51 -5.68 23.06
N TYR B 118 4.24 -5.92 21.78
CA TYR B 118 5.22 -6.58 20.95
C TYR B 118 6.50 -5.76 20.84
N LEU B 119 6.38 -4.44 20.86
CA LEU B 119 7.59 -3.61 20.83
C LEU B 119 8.27 -3.60 22.19
N VAL B 120 7.50 -3.51 23.26
CA VAL B 120 8.08 -3.60 24.59
C VAL B 120 8.68 -4.98 24.81
N SER B 121 7.92 -6.03 24.47
CA SER B 121 8.39 -7.39 24.65
C SER B 121 9.43 -7.81 23.63
N PHE B 122 9.72 -6.97 22.64
CA PHE B 122 10.79 -7.30 21.71
C PHE B 122 12.13 -6.77 22.20
N GLY B 123 12.15 -5.52 22.67
CA GLY B 123 13.39 -4.95 23.15
C GLY B 123 14.00 -5.74 24.28
N VAL B 124 13.15 -6.23 25.20
CA VAL B 124 13.63 -7.11 26.24
C VAL B 124 14.24 -8.37 25.64
N TRP B 125 13.72 -8.81 24.50
CA TRP B 125 14.32 -9.96 23.83
C TRP B 125 15.63 -9.59 23.17
N ILE B 126 15.76 -8.36 22.69
CA ILE B 126 16.94 -7.98 21.94
C ILE B 126 17.99 -7.29 22.80
N ARG B 127 17.57 -6.62 23.88
CA ARG B 127 18.55 -6.05 24.79
C ARG B 127 19.33 -7.13 25.51
N THR B 128 18.74 -8.30 25.69
CA THR B 128 19.43 -9.39 26.34
C THR B 128 20.63 -9.82 25.48
N PRO B 129 21.78 -10.07 26.10
CA PRO B 129 22.96 -10.44 25.33
C PRO B 129 22.75 -11.78 24.64
N PRO B 130 23.61 -12.12 23.68
CA PRO B 130 23.32 -13.28 22.81
C PRO B 130 23.35 -14.60 23.56
N ALA B 131 24.24 -14.75 24.54
CA ALA B 131 24.42 -16.04 25.18
C ALA B 131 23.17 -16.48 25.92
N TYR B 132 22.37 -15.55 26.42
CA TYR B 132 21.22 -15.86 27.25
C TYR B 132 19.91 -15.52 26.57
N ARG B 133 19.95 -15.31 25.26
CA ARG B 133 18.77 -14.94 24.50
C ARG B 133 18.07 -16.20 24.00
N PRO B 134 16.74 -16.27 24.16
CA PRO B 134 16.01 -17.39 23.59
C PRO B 134 16.20 -17.43 22.08
N PRO B 135 16.24 -18.63 21.50
CA PRO B 135 16.54 -18.75 20.07
C PRO B 135 15.41 -18.34 19.14
N ASN B 136 14.33 -17.76 19.65
CA ASN B 136 13.16 -17.44 18.84
C ASN B 136 12.52 -16.17 19.37
N ALA B 137 12.56 -15.10 18.57
CA ALA B 137 12.00 -13.84 19.00
C ALA B 137 10.51 -13.97 19.23
N PRO B 138 9.95 -13.10 20.08
CA PRO B 138 8.50 -13.14 20.30
C PRO B 138 7.76 -12.88 19.01
N ILE B 139 6.56 -13.44 18.92
CA ILE B 139 5.76 -13.37 17.70
C ILE B 139 4.59 -12.44 17.95
N LEU B 140 4.44 -11.45 17.08
CA LEU B 140 3.31 -10.55 17.15
C LEU B 140 2.03 -11.30 16.84
N SER B 141 1.02 -11.14 17.69
CA SER B 141 -0.26 -11.81 17.43
C SER B 141 -1.30 -11.30 18.41
N THR B 142 -2.55 -11.52 18.06
CA THR B 142 -3.67 -11.12 18.89
C THR B 142 -3.89 -12.12 20.00
N LEU B 143 -4.31 -11.62 21.16
CA LEU B 143 -4.63 -12.48 22.29
C LEU B 143 -6.13 -12.49 22.50
N PRO B 144 -6.79 -13.65 22.40
CA PRO B 144 -8.24 -13.77 22.64
C PRO B 144 -8.65 -13.39 24.06
N MET C 1 -4.48 1.13 -7.27
CA MET C 1 -3.35 0.91 -6.36
C MET C 1 -2.86 2.26 -5.85
N ASP C 2 -3.46 3.32 -6.38
CA ASP C 2 -3.09 4.69 -6.01
C ASP C 2 -4.25 5.35 -5.28
N ILE C 3 -3.94 5.98 -4.16
CA ILE C 3 -4.95 6.61 -3.32
C ILE C 3 -5.04 8.08 -3.69
N ASP C 4 -6.25 8.63 -3.63
CA ASP C 4 -6.42 10.06 -3.75
C ASP C 4 -6.03 10.72 -2.45
N PRO C 5 -5.08 11.66 -2.47
CA PRO C 5 -4.68 12.30 -1.21
C PRO C 5 -5.81 13.05 -0.52
N TYR C 6 -6.82 13.48 -1.26
CA TYR C 6 -7.87 14.33 -0.71
C TYR C 6 -9.24 13.69 -0.76
N LYS C 7 -9.32 12.45 -1.24
CA LYS C 7 -10.61 11.78 -1.36
C LYS C 7 -11.30 11.61 -0.01
N GLU C 8 -10.51 11.59 1.07
CA GLU C 8 -11.08 11.43 2.40
C GLU C 8 -11.59 12.72 2.99
N PHE C 9 -11.16 13.86 2.48
CA PHE C 9 -11.57 15.15 3.01
C PHE C 9 -12.60 15.86 2.14
N GLY C 10 -13.19 15.17 1.19
CA GLY C 10 -14.16 15.80 0.30
C GLY C 10 -13.56 16.34 -0.97
N ALA C 11 -12.44 17.05 -0.87
CA ALA C 11 -11.80 17.58 -2.05
C ALA C 11 -11.21 16.45 -2.89
N THR C 12 -10.58 16.82 -4.00
CA THR C 12 -9.93 15.84 -4.84
C THR C 12 -8.84 16.53 -5.65
N VAL C 13 -7.91 15.74 -6.17
CA VAL C 13 -6.79 16.29 -6.92
C VAL C 13 -7.27 17.02 -8.16
N GLU C 14 -8.35 16.54 -8.77
CA GLU C 14 -8.92 17.27 -9.90
C GLU C 14 -9.45 18.63 -9.45
N LEU C 15 -10.10 18.66 -8.29
CA LEU C 15 -10.63 19.92 -7.78
C LEU C 15 -9.51 20.91 -7.50
N LEU C 16 -8.40 20.44 -6.96
CA LEU C 16 -7.25 21.31 -6.74
C LEU C 16 -6.50 21.63 -8.02
N SER C 17 -6.91 21.07 -9.16
CA SER C 17 -6.34 21.47 -10.43
C SER C 17 -6.80 22.86 -10.85
N PHE C 18 -7.84 23.39 -10.21
CA PHE C 18 -8.25 24.76 -10.48
C PHE C 18 -7.13 25.74 -10.15
N LEU C 19 -6.62 25.66 -8.94
CA LEU C 19 -5.63 26.59 -8.43
C LEU C 19 -4.36 26.53 -9.27
N PRO C 20 -3.93 27.63 -9.88
CA PRO C 20 -2.69 27.60 -10.66
C PRO C 20 -1.49 27.31 -9.78
N SER C 21 -0.35 27.13 -10.43
CA SER C 21 0.86 26.76 -9.70
C SER C 21 1.30 27.88 -8.76
N ASP C 22 1.51 29.07 -9.31
CA ASP C 22 2.08 30.17 -8.53
C ASP C 22 1.16 30.66 -7.41
N PHE C 23 -0.10 30.26 -7.41
CA PHE C 23 -1.00 30.66 -6.32
C PHE C 23 -0.50 30.19 -4.97
N PHE C 24 0.11 29.04 -4.93
CA PHE C 24 0.49 28.44 -3.66
C PHE C 24 1.73 29.12 -3.08
N PRO C 25 1.75 29.35 -1.78
CA PRO C 25 2.92 29.98 -1.16
C PRO C 25 4.10 29.02 -1.13
N SER C 26 5.23 29.49 -0.60
CA SER C 26 6.39 28.63 -0.47
C SER C 26 6.22 27.68 0.71
N VAL C 27 7.07 26.65 0.76
CA VAL C 27 6.99 25.70 1.85
C VAL C 27 7.36 26.36 3.17
N ARG C 28 8.32 27.29 3.14
CA ARG C 28 8.72 27.95 4.37
C ARG C 28 7.56 28.75 4.97
N ASP C 29 6.84 29.48 4.12
CA ASP C 29 5.77 30.33 4.62
C ASP C 29 4.67 29.51 5.26
N LEU C 30 4.40 28.32 4.72
CA LEU C 30 3.38 27.47 5.30
C LEU C 30 3.85 26.82 6.59
N LEU C 31 5.09 26.32 6.60
CA LEU C 31 5.62 25.66 7.79
C LEU C 31 5.69 26.65 8.95
N ASP C 32 6.07 27.89 8.67
CA ASP C 32 6.11 28.89 9.72
C ASP C 32 4.72 29.17 10.27
N THR C 33 3.71 29.12 9.40
CA THR C 33 2.34 29.38 9.85
C THR C 33 1.86 28.28 10.79
N ALA C 34 2.04 27.03 10.40
CA ALA C 34 1.65 25.92 11.27
C ALA C 34 2.44 25.95 12.57
N ALA C 35 3.76 26.11 12.45
CA ALA C 35 4.60 26.20 13.65
C ALA C 35 4.33 27.46 14.45
N ALA C 36 3.63 28.44 13.89
CA ALA C 36 3.26 29.62 14.64
C ALA C 36 1.89 29.45 15.30
N LEU C 37 0.93 28.88 14.57
CA LEU C 37 -0.43 28.79 15.06
C LEU C 37 -0.70 27.46 15.77
N TYR C 38 -0.14 26.37 15.25
CA TYR C 38 -0.54 25.03 15.65
C TYR C 38 0.58 24.26 16.32
N ARG C 39 1.74 24.88 16.52
CA ARG C 39 2.89 24.17 17.07
C ARG C 39 2.61 23.66 18.48
N ASP C 40 1.69 24.30 19.19
CA ASP C 40 1.30 23.84 20.51
C ASP C 40 0.29 22.71 20.45
N ALA C 41 -0.32 22.47 19.30
CA ALA C 41 -1.30 21.40 19.15
C ALA C 41 -0.80 20.23 18.32
N LEU C 42 0.07 20.48 17.34
CA LEU C 42 0.60 19.39 16.54
C LEU C 42 1.41 18.42 17.40
N GLU C 43 2.31 18.95 18.21
CA GLU C 43 3.15 18.10 19.03
C GLU C 43 2.38 17.43 20.16
N SER C 44 1.18 17.90 20.45
CA SER C 44 0.36 17.26 21.47
C SER C 44 -0.07 15.89 20.99
N PRO C 45 0.15 14.85 21.78
CA PRO C 45 -0.22 13.49 21.36
C PRO C 45 -1.71 13.21 21.49
N GLU C 46 -2.51 13.88 20.67
CA GLU C 46 -3.94 13.66 20.68
C GLU C 46 -4.50 13.89 19.28
N HIS C 47 -5.57 13.17 18.96
CA HIS C 47 -6.23 13.30 17.66
C HIS C 47 -7.25 14.42 17.76
N ALA C 48 -6.75 15.65 17.77
CA ALA C 48 -7.64 16.80 17.82
C ALA C 48 -8.54 16.85 16.60
N SER C 49 -8.05 16.39 15.46
CA SER C 49 -8.84 16.28 14.24
C SER C 49 -7.98 15.60 13.19
N PRO C 50 -8.58 15.05 12.13
CA PRO C 50 -7.79 14.29 11.16
C PRO C 50 -6.75 15.12 10.45
N HIS C 51 -6.93 16.44 10.33
CA HIS C 51 -5.93 17.25 9.65
C HIS C 51 -4.61 17.24 10.42
N HIS C 52 -4.68 17.18 11.76
CA HIS C 52 -3.46 17.02 12.53
C HIS C 52 -2.75 15.74 12.15
N THR C 53 -3.49 14.65 12.01
CA THR C 53 -2.90 13.38 11.59
C THR C 53 -2.27 13.52 10.22
N ALA C 54 -2.96 14.18 9.29
CA ALA C 54 -2.37 14.42 7.99
C ALA C 54 -1.26 15.44 8.07
N LEU C 55 -1.43 16.47 8.90
CA LEU C 55 -0.47 17.56 8.92
C LEU C 55 0.85 17.12 9.54
N ARG C 56 0.79 16.27 10.57
CA ARG C 56 2.03 15.75 11.14
C ARG C 56 2.79 14.93 10.11
N GLN C 57 2.07 14.20 9.26
CA GLN C 57 2.73 13.38 8.26
C GLN C 57 3.35 14.23 7.16
N ALA C 58 2.61 15.23 6.68
CA ALA C 58 3.12 16.05 5.58
C ALA C 58 4.37 16.81 5.98
N ILE C 59 4.43 17.25 7.24
CA ILE C 59 5.60 17.99 7.70
C ILE C 59 6.84 17.10 7.68
N LEU C 60 6.75 15.92 8.29
CA LEU C 60 7.89 15.02 8.34
C LEU C 60 8.30 14.56 6.95
N ALA C 61 7.33 14.45 6.04
CA ALA C 61 7.67 14.10 4.66
C ALA C 61 8.59 15.15 4.06
N TRP C 62 8.19 16.41 4.13
CA TRP C 62 9.08 17.47 3.67
C TRP C 62 10.34 17.52 4.52
N GLY C 63 10.23 17.20 5.80
CA GLY C 63 11.42 17.10 6.62
C GLY C 63 12.37 16.02 6.12
N ASP C 64 11.84 15.02 5.44
CA ASP C 64 12.69 13.97 4.89
C ASP C 64 13.41 14.43 3.63
N LEU C 65 12.70 15.12 2.73
CA LEU C 65 13.34 15.59 1.52
C LEU C 65 14.42 16.63 1.81
N MET C 66 14.27 17.37 2.91
CA MET C 66 15.34 18.27 3.32
C MET C 66 16.62 17.49 3.60
N THR C 67 16.48 16.29 4.17
CA THR C 67 17.64 15.43 4.37
C THR C 67 18.27 15.05 3.03
N LEU C 68 17.44 14.57 2.10
CA LEU C 68 17.95 14.21 0.79
C LEU C 68 18.52 15.41 0.06
N ALA C 69 17.97 16.60 0.31
CA ALA C 69 18.57 17.80 -0.25
C ALA C 69 19.96 18.02 0.31
N THR C 70 20.12 17.84 1.62
CA THR C 70 21.43 18.07 2.23
C THR C 70 22.42 16.97 1.89
N TRP C 71 21.97 15.71 1.92
CA TRP C 71 22.83 14.61 1.53
C TRP C 71 23.34 14.79 0.10
N VAL C 72 22.45 15.18 -0.81
CA VAL C 72 22.84 15.41 -2.19
C VAL C 72 23.70 16.65 -2.30
N GLY C 73 23.52 17.62 -1.39
CA GLY C 73 24.30 18.84 -1.47
C GLY C 73 25.77 18.64 -1.17
N THR C 74 26.14 17.53 -0.53
CA THR C 74 27.51 17.32 -0.12
C THR C 74 28.12 16.04 -0.68
N ASN C 75 27.36 14.94 -0.76
CA ASN C 75 27.90 13.68 -1.21
C ASN C 75 27.77 13.49 -2.72
N LEU C 76 27.53 14.56 -3.46
CA LEU C 76 27.56 14.52 -4.91
C LEU C 76 28.56 15.56 -5.42
N GLU C 77 29.14 15.26 -6.57
CA GLU C 77 30.26 16.04 -7.10
C GLU C 77 29.89 16.88 -8.32
N ASP C 78 29.17 16.32 -9.28
CA ASP C 78 28.86 17.05 -10.48
C ASP C 78 27.89 18.18 -10.19
N PRO C 79 28.11 19.38 -10.74
CA PRO C 79 27.17 20.48 -10.49
C PRO C 79 25.80 20.21 -11.07
N ALA C 80 25.74 19.67 -12.29
CA ALA C 80 24.46 19.28 -12.86
C ALA C 80 23.82 18.16 -12.07
N SER C 81 24.61 17.40 -11.31
CA SER C 81 24.05 16.40 -10.41
C SER C 81 23.59 17.03 -9.10
N ARG C 82 24.51 17.68 -8.39
CA ARG C 82 24.20 18.22 -7.08
C ARG C 82 23.18 19.35 -7.14
N ASP C 83 23.01 19.99 -8.29
CA ASP C 83 22.07 21.11 -8.42
C ASP C 83 20.74 20.68 -9.02
N LEU C 84 20.78 19.98 -10.16
CA LEU C 84 19.55 19.61 -10.83
C LEU C 84 18.71 18.66 -9.97
N VAL C 85 19.35 17.87 -9.11
CA VAL C 85 18.60 17.04 -8.18
C VAL C 85 17.87 17.92 -7.18
N VAL C 86 18.61 18.74 -6.43
CA VAL C 86 18.01 19.60 -5.44
C VAL C 86 17.07 20.60 -6.10
N SER C 87 17.37 21.01 -7.33
CA SER C 87 16.43 21.83 -8.08
C SER C 87 15.13 21.07 -8.34
N TYR C 88 15.22 19.75 -8.51
CA TYR C 88 14.01 18.97 -8.75
C TYR C 88 13.12 18.95 -7.51
N VAL C 89 13.72 18.75 -6.34
CA VAL C 89 12.94 18.60 -5.12
C VAL C 89 12.17 19.86 -4.80
N ASN C 90 12.86 21.01 -4.82
CA ASN C 90 12.18 22.26 -4.54
C ASN C 90 11.17 22.60 -5.62
N THR C 91 11.52 22.32 -6.88
CA THR C 91 10.63 22.72 -7.99
C THR C 91 9.40 21.83 -8.05
N ASN C 92 9.59 20.54 -8.28
CA ASN C 92 8.47 19.66 -8.58
C ASN C 92 7.92 18.97 -7.34
N VAL C 93 8.76 18.23 -6.63
CA VAL C 93 8.28 17.51 -5.47
C VAL C 93 7.85 18.47 -4.37
N GLY C 94 8.50 19.63 -4.28
CA GLY C 94 8.03 20.65 -3.36
C GLY C 94 6.64 21.12 -3.70
N LEU C 95 6.39 21.38 -4.99
CA LEU C 95 5.06 21.73 -5.44
C LEU C 95 4.09 20.58 -5.26
N LYS C 96 4.59 19.35 -5.19
CA LYS C 96 3.70 18.19 -5.11
C LYS C 96 2.88 18.19 -3.83
N PHE C 97 3.41 18.76 -2.74
CA PHE C 97 2.60 18.85 -1.54
C PHE C 97 2.76 20.19 -0.83
N ARG C 98 3.03 21.27 -1.58
CA ARG C 98 2.60 22.55 -1.07
C ARG C 98 1.09 22.64 -1.04
N GLN C 99 0.43 21.84 -1.87
CA GLN C 99 -1.01 21.67 -1.76
C GLN C 99 -1.39 21.15 -0.37
N LEU C 100 -0.79 20.03 0.02
CA LEU C 100 -1.14 19.41 1.30
C LEU C 100 -0.88 20.35 2.45
N LEU C 101 0.27 21.02 2.45
CA LEU C 101 0.53 22.02 3.48
C LEU C 101 -0.47 23.16 3.38
N TRP C 102 -0.71 23.66 2.16
CA TRP C 102 -1.67 24.74 2.03
C TRP C 102 -3.08 24.28 2.36
N PHE C 103 -3.42 23.05 1.97
CA PHE C 103 -4.79 22.59 2.19
C PHE C 103 -5.06 22.40 3.67
N HIS C 104 -4.32 21.49 4.32
CA HIS C 104 -4.65 21.10 5.68
C HIS C 104 -4.48 22.26 6.66
N ILE C 105 -3.51 23.14 6.43
CA ILE C 105 -3.41 24.34 7.25
C ILE C 105 -4.65 25.19 7.07
N SER C 106 -5.02 25.46 5.82
CA SER C 106 -6.21 26.25 5.56
C SER C 106 -7.47 25.55 6.03
N ALA C 107 -7.45 24.22 6.07
CA ALA C 107 -8.63 23.50 6.55
C ALA C 107 -8.78 23.62 8.06
N LEU C 108 -7.68 23.47 8.79
CA LEU C 108 -7.74 23.60 10.25
C LEU C 108 -8.17 25.01 10.64
N THR C 109 -7.58 26.02 10.01
CA THR C 109 -7.84 27.39 10.41
C THR C 109 -9.27 27.82 10.07
N PHE C 110 -9.80 27.31 8.97
CA PHE C 110 -11.03 27.84 8.40
C PHE C 110 -12.14 26.81 8.28
N GLY C 111 -11.92 25.58 8.74
CA GLY C 111 -12.93 24.56 8.59
C GLY C 111 -12.93 23.96 7.21
N ARG C 112 -13.32 22.69 7.09
CA ARG C 112 -13.26 22.02 5.80
C ARG C 112 -14.22 22.65 4.80
N GLU C 113 -15.45 22.92 5.22
CA GLU C 113 -16.46 23.42 4.29
C GLU C 113 -16.06 24.76 3.70
N THR C 114 -15.43 25.62 4.51
CA THR C 114 -15.01 26.91 3.99
C THR C 114 -13.92 26.77 2.94
N VAL C 115 -13.05 25.77 3.08
CA VAL C 115 -12.03 25.58 2.06
C VAL C 115 -12.66 25.07 0.77
N LEU C 116 -13.55 24.08 0.88
CA LEU C 116 -14.18 23.52 -0.31
C LEU C 116 -15.00 24.56 -1.03
N GLU C 117 -15.75 25.38 -0.29
CA GLU C 117 -16.44 26.50 -0.92
C GLU C 117 -15.45 27.46 -1.54
N TYR C 118 -14.27 27.60 -0.94
CA TYR C 118 -13.28 28.51 -1.51
C TYR C 118 -12.81 28.02 -2.87
N LEU C 119 -12.60 26.71 -3.01
CA LEU C 119 -12.11 26.18 -4.28
C LEU C 119 -13.10 26.41 -5.40
N VAL C 120 -14.37 26.07 -5.16
CA VAL C 120 -15.40 26.30 -6.16
C VAL C 120 -15.50 27.77 -6.49
N SER C 121 -15.48 28.63 -5.47
CA SER C 121 -15.52 30.06 -5.71
C SER C 121 -14.30 30.52 -6.49
N PHE C 122 -13.12 29.99 -6.16
CA PHE C 122 -11.95 30.34 -6.94
C PHE C 122 -12.04 29.77 -8.34
N GLY C 123 -12.69 28.62 -8.49
CA GLY C 123 -12.87 28.06 -9.82
C GLY C 123 -13.66 28.98 -10.73
N VAL C 124 -14.74 29.56 -10.21
CA VAL C 124 -15.53 30.49 -11.01
C VAL C 124 -14.72 31.74 -11.34
N TRP C 125 -13.86 32.18 -10.42
CA TRP C 125 -13.06 33.36 -10.70
C TRP C 125 -12.12 33.12 -11.86
N ILE C 126 -11.41 31.99 -11.84
CA ILE C 126 -10.41 31.75 -12.86
C ILE C 126 -11.05 31.47 -14.21
N ARG C 127 -12.26 30.91 -14.22
CA ARG C 127 -12.90 30.58 -15.48
C ARG C 127 -13.26 31.83 -16.28
N THR C 128 -13.68 32.88 -15.59
CA THR C 128 -14.15 34.08 -16.25
C THR C 128 -13.03 34.71 -17.05
N PRO C 129 -13.32 35.25 -18.24
CA PRO C 129 -12.27 35.88 -19.05
C PRO C 129 -11.67 37.07 -18.35
N PRO C 130 -10.50 37.52 -18.79
CA PRO C 130 -9.82 38.62 -18.09
C PRO C 130 -10.60 39.92 -18.12
N ALA C 131 -11.39 40.14 -19.17
CA ALA C 131 -12.07 41.42 -19.33
C ALA C 131 -13.06 41.68 -18.20
N TYR C 132 -13.63 40.62 -17.63
CA TYR C 132 -14.69 40.79 -16.64
C TYR C 132 -14.33 40.23 -15.27
N ARG C 133 -13.16 39.62 -15.12
CA ARG C 133 -12.77 39.13 -13.80
C ARG C 133 -12.58 40.31 -12.86
N PRO C 134 -13.24 40.32 -11.72
CA PRO C 134 -12.91 41.29 -10.68
C PRO C 134 -11.45 41.14 -10.29
N PRO C 135 -10.67 42.23 -10.35
CA PRO C 135 -9.22 42.10 -10.19
C PRO C 135 -8.83 41.53 -8.84
N ASN C 136 -9.59 41.82 -7.80
CA ASN C 136 -9.37 41.25 -6.48
C ASN C 136 -9.84 39.81 -6.49
N ALA C 137 -8.91 38.87 -6.67
CA ALA C 137 -9.27 37.47 -6.61
C ALA C 137 -9.83 37.13 -5.23
N PRO C 138 -10.71 36.12 -5.15
CA PRO C 138 -11.28 35.76 -3.85
C PRO C 138 -10.21 35.23 -2.93
N ILE C 139 -10.42 35.45 -1.63
CA ILE C 139 -9.43 35.08 -0.62
C ILE C 139 -10.15 34.57 0.61
N LEU C 140 -9.51 33.63 1.30
CA LEU C 140 -10.10 33.03 2.49
C LEU C 140 -10.27 34.07 3.58
N SER C 141 -11.24 33.82 4.46
CA SER C 141 -11.44 34.63 5.65
C SER C 141 -12.49 33.95 6.52
N THR C 142 -12.31 34.04 7.83
CA THR C 142 -13.23 33.40 8.74
C THR C 142 -14.63 34.02 8.64
N LEU C 143 -15.56 33.41 9.34
CA LEU C 143 -16.91 33.93 9.45
C LEU C 143 -17.54 33.40 10.73
N PRO C 144 -17.99 34.29 11.63
CA PRO C 144 -18.52 33.88 12.93
C PRO C 144 -19.79 33.02 12.81
C10 E9D D . 4.14 -21.27 19.83
C13 E9D D . 5.21 -21.22 22.32
C15 E9D D . 2.10 -19.52 18.13
C17 E9D D . 0.22 -19.96 16.72
C20 E9D D . -0.91 -20.82 20.17
C21 E9D D . 8.42 -21.90 21.16
C22 E9D D . 7.24 -23.71 22.42
C24 E9D D . -0.99 -18.24 26.33
C26 E9D D . 4.98 -7.99 5.92
C28 E9D D . 4.21 -7.79 8.18
C01 E9D D . 0.50 -18.10 24.31
C02 E9D D . -0.20 -18.02 23.13
C03 E9D D . 0.30 -18.57 21.97
C04 E9D D . 1.49 -19.27 21.92
C05 E9D D . 2.19 -19.35 23.12
C06 E9D D . 1.72 -18.79 24.31
C07 E9D D . 2.08 -19.90 20.69
C08 E9D D . 3.39 -20.60 20.83
C09 E9D D . 4.01 -20.63 22.06
C11 E9D D . 5.37 -21.88 20.12
C12 E9D D . 5.92 -21.86 21.37
C14 E9D D . 1.39 -19.90 19.29
C16 E9D D . 1.52 -19.54 16.88
C18 E9D D . -0.50 -20.35 17.83
C19 E9D D . 0.06 -20.34 19.09
C23 E9D D . 0.39 -16.17 25.91
C25 E9D D . 2.27 -19.16 15.62
C27 E9D D . 5.00 -8.39 7.23
C29 E9D D . 3.35 -6.76 7.82
C30 E9D D . 3.33 -6.37 6.51
C31 E9D D . 4.14 -6.97 5.57
C32 E9D D . 4.37 -8.43 9.55
C33 E9D D . 3.34 -9.02 10.19
C34 E9D D . 3.60 -9.65 11.39
C35 E9D D . 5.81 -9.09 11.18
C36 E9D D . 7.23 -9.11 11.70
C37 E9D D . 8.86 -10.02 13.05
C38 E9D D . 9.76 -9.09 12.57
C39 E9D D . 9.39 -8.18 11.67
C40 E9D D . 8.11 -8.18 11.21
C41 E9D D . 1.92 -9.00 9.67
C42 E9D D . -0.22 -8.11 9.89
C43 E9D D . 2.52 -10.33 12.22
C44 E9D D . 2.47 -11.99 10.68
C45 E9D D . 3.58 -12.89 11.19
C46 E9D D . 2.05 -13.00 13.13
C47 E9D D . 1.15 -12.03 12.38
C48 E9D D . 2.81 -15.07 12.04
C49 E9D D . 1.96 -15.79 13.07
C50 E9D D . 1.49 -17.14 12.56
C51 E9D D . 2.25 -18.21 13.30
F01 E9D D . 4.10 -6.55 4.27
N01 E9D D . -0.03 -17.51 25.52
N02 E9D D . 7.19 -22.49 21.65
N03 E9D D . 4.83 -9.67 11.88
N04 E9D D . 5.56 -8.49 10.03
N05 E9D D . 7.59 -10.03 12.61
N06 E9D D . 1.83 -11.27 11.58
N07 E9D D . 2.83 -13.65 12.12
N08 E9D D . 1.55 -18.54 14.52
O01 E9D D . 3.46 -20.02 23.24
O02 E9D D . -0.48 -21.48 21.15
O03 E9D D . -2.12 -20.52 20.09
O04 E9D D . 3.41 -19.41 15.50
O05 E9D D . 1.67 -9.18 8.54
O06 E9D D . 0.86 -8.73 10.52
O07 E9D D . 3.43 -15.63 11.22
CL1 E9D D . 2.28 -5.92 8.95
H10 E9D D . 3.82 -21.31 18.96
H13 E9D D . 5.56 -21.19 23.19
H15 E9D D . 2.98 -19.24 18.21
H17 E9D D . -0.17 -19.98 15.87
H26 E9D D . 5.53 -8.40 5.30
H02 E9D D . -1.01 -17.57 23.11
H03 E9D D . -0.22 -18.50 21.20
H06 E9D D . 2.22 -18.86 25.08
H11 E9D D . 5.83 -22.30 19.43
H18 E9D D . -1.38 -20.63 17.73
H27 E9D D . 5.57 -9.09 7.48
H30 E9D D . 2.78 -5.67 6.26
H37 E9D D . 9.13 -10.65 13.67
H38 E9D D . 10.63 -9.09 12.89
H39 E9D D . 10.00 -7.56 11.36
H40 E9D D . 7.84 -7.55 10.59
H51 E9D D . 0.72 -18.37 14.59
#